data_4JT9
#
_entry.id   4JT9
#
_cell.length_a   120.464
_cell.length_b   120.464
_cell.length_c   44.468
_cell.angle_alpha   90.00
_cell.angle_beta   90.00
_cell.angle_gamma   120.00
#
_symmetry.space_group_name_H-M   'P 65'
#
loop_
_entity.id
_entity.type
_entity.pdbx_description
1 polymer 'NAD-dependent protein deacetylase sirtuin-3, mitochondrial'
2 non-polymer 'ZINC ION'
3 non-polymer 4-(4-{2-[(methylsulfonyl)amino]ethyl}piperidin-1-yl)thieno[3,2-d]pyrimidine-6-carboxamide
4 non-polymer GLYCEROL
5 non-polymer 'SODIUM ION'
6 water water
#
_entity_poly.entity_id   1
_entity_poly.type   'polypeptide(L)'
_entity_poly.pdbx_seq_one_letter_code
;SNASDKGKLSLQDVAELIRARACQRVVVMVGAGISTPSGIPDFRSPGSGLYSNLQQYDLPYPEAIFELPFFFHNPKPFFT
LAKELYPGNYKPNVTHYFLRLLHDKGLLLRLYTQNIDGLERVSGIPASKLVEAHGTFASATCTVCQRPFPGEDIRADVMA
DRVPRCPVCTGVVKPDIVFFGEPLPQRFLLHVVDFPMADLLLILGTSLEVEPFASLTEAVRSSVPRLLINRDLVGPLAWH
PRSRDVAQLGDVVHGVESLVELLGWTEEMRDLVQRETGKLDGPDK
;
_entity_poly.pdbx_strand_id   A
#
loop_
_chem_comp.id
_chem_comp.type
_chem_comp.name
_chem_comp.formula
1NS non-polymer 4-(4-{2-[(methylsulfonyl)amino]ethyl}piperidin-1-yl)thieno[3,2-d]pyrimidine-6-carboxamide 'C15 H21 N5 O3 S2'
GOL non-polymer GLYCEROL 'C3 H8 O3'
NA non-polymer 'SODIUM ION' 'Na 1'
ZN non-polymer 'ZINC ION' 'Zn 2'
#
# COMPACT_ATOMS: atom_id res chain seq x y z
N LYS A 6 24.26 7.28 -21.31
CA LYS A 6 24.26 8.73 -21.69
C LYS A 6 22.87 9.17 -22.15
N GLY A 7 22.33 10.20 -21.49
CA GLY A 7 20.96 10.64 -21.74
C GLY A 7 19.96 9.76 -21.00
N LYS A 8 18.79 9.57 -21.61
CA LYS A 8 17.67 8.85 -21.01
C LYS A 8 17.95 7.38 -20.72
N LEU A 9 17.64 6.95 -19.51
CA LEU A 9 17.58 5.51 -19.22
C LEU A 9 16.28 4.96 -19.76
N SER A 10 16.31 3.71 -20.21
CA SER A 10 15.10 3.01 -20.60
C SER A 10 14.67 2.10 -19.46
N LEU A 11 13.49 1.50 -19.61
CA LEU A 11 13.03 0.46 -18.72
C LEU A 11 13.99 -0.72 -18.80
N GLN A 12 14.54 -0.97 -19.98
CA GLN A 12 15.49 -2.05 -20.20
C GLN A 12 16.75 -1.82 -19.37
N ASP A 13 17.24 -0.58 -19.36
CA ASP A 13 18.40 -0.22 -18.56
C ASP A 13 18.15 -0.50 -17.07
N VAL A 14 16.96 -0.14 -16.60
CA VAL A 14 16.61 -0.38 -15.19
C VAL A 14 16.64 -1.88 -14.90
N ALA A 15 16.05 -2.67 -15.79
CA ALA A 15 16.03 -4.13 -15.61
C ALA A 15 17.44 -4.74 -15.56
N GLU A 16 18.35 -4.20 -16.38
CA GLU A 16 19.74 -4.65 -16.46
C GLU A 16 20.48 -4.28 -15.19
N LEU A 17 20.16 -3.11 -14.63
CA LEU A 17 20.71 -2.76 -13.32
C LEU A 17 20.29 -3.73 -12.22
N ILE A 18 19.05 -4.18 -12.27
CA ILE A 18 18.52 -5.16 -11.31
C ILE A 18 19.09 -6.57 -11.57
N ARG A 19 19.07 -6.99 -12.84
CA ARG A 19 19.68 -8.27 -13.22
C ARG A 19 21.13 -8.38 -12.76
N ALA A 20 21.89 -7.29 -12.88
CA ALA A 20 23.28 -7.23 -12.43
C ALA A 20 23.44 -7.02 -10.91
N ARG A 21 22.33 -6.97 -10.19
CA ARG A 21 22.30 -6.62 -8.77
C ARG A 21 23.14 -5.39 -8.47
N ALA A 22 23.15 -4.45 -9.42
CA ALA A 22 23.74 -3.14 -9.21
C ALA A 22 22.76 -2.26 -8.41
N CYS A 23 21.49 -2.65 -8.45
CA CYS A 23 20.44 -2.13 -7.56
C CYS A 23 19.91 -3.29 -6.76
N GLN A 24 20.16 -3.28 -5.45
CA GLN A 24 19.68 -4.33 -4.57
C GLN A 24 19.15 -3.76 -3.23
N ARG A 25 19.01 -2.43 -3.18
CA ARG A 25 18.37 -1.75 -2.05
C ARG A 25 17.23 -0.87 -2.60
N VAL A 26 16.18 -1.53 -3.05
CA VAL A 26 15.07 -0.89 -3.72
C VAL A 26 14.08 -0.38 -2.67
N VAL A 27 13.67 0.88 -2.81
CA VAL A 27 12.59 1.44 -2.02
C VAL A 27 11.37 1.64 -2.91
N VAL A 28 10.23 1.10 -2.48
CA VAL A 28 9.00 1.10 -3.27
C VAL A 28 7.94 1.99 -2.61
N MET A 29 7.25 2.78 -3.41
CA MET A 29 6.12 3.59 -2.96
C MET A 29 4.91 3.23 -3.81
N VAL A 30 3.81 2.90 -3.15
CA VAL A 30 2.57 2.50 -3.83
C VAL A 30 1.34 3.23 -3.27
N GLY A 31 0.29 3.24 -4.08
CA GLY A 31 -0.96 3.91 -3.74
C GLY A 31 -2.12 3.17 -4.37
N ALA A 32 -3.26 3.85 -4.46
CA ALA A 32 -4.54 3.20 -4.81
C ALA A 32 -4.51 2.48 -6.18
N GLY A 33 -3.70 2.99 -7.09
CA GLY A 33 -3.63 2.46 -8.45
C GLY A 33 -3.09 1.05 -8.62
N ILE A 34 -2.43 0.50 -7.60
CA ILE A 34 -1.98 -0.88 -7.70
C ILE A 34 -3.07 -1.91 -7.33
N SER A 35 -4.12 -1.44 -6.65
CA SER A 35 -5.15 -2.35 -6.15
C SER A 35 -6.46 -2.32 -6.92
N THR A 36 -6.68 -1.32 -7.76
CA THR A 36 -7.88 -1.33 -8.62
C THR A 36 -8.13 -2.67 -9.37
N PRO A 37 -7.06 -3.35 -9.87
CA PRO A 37 -7.30 -4.66 -10.51
C PRO A 37 -7.70 -5.78 -9.56
N SER A 38 -7.54 -5.59 -8.25
CA SER A 38 -8.00 -6.57 -7.28
C SER A 38 -9.51 -6.46 -6.99
N GLY A 39 -10.14 -5.44 -7.59
CA GLY A 39 -11.55 -5.12 -7.32
C GLY A 39 -11.79 -3.95 -6.36
N ILE A 40 -10.73 -3.23 -5.98
CA ILE A 40 -10.88 -2.09 -5.07
C ILE A 40 -10.68 -0.73 -5.77
N PRO A 41 -11.79 -0.01 -6.04
CA PRO A 41 -11.63 1.26 -6.75
C PRO A 41 -11.08 2.33 -5.84
N ASP A 42 -10.42 3.33 -6.42
CA ASP A 42 -10.05 4.51 -5.68
C ASP A 42 -11.29 5.07 -4.95
N PHE A 43 -11.15 5.37 -3.65
CA PHE A 43 -12.29 5.79 -2.83
C PHE A 43 -12.95 7.00 -3.46
N ARG A 44 -12.20 7.73 -4.29
CA ARG A 44 -12.67 8.95 -4.92
C ARG A 44 -13.30 8.75 -6.31
N SER A 45 -13.23 7.54 -6.83
CA SER A 45 -13.79 7.30 -8.16
C SER A 45 -15.30 7.55 -8.14
N PRO A 46 -15.78 8.47 -9.02
CA PRO A 46 -17.23 8.68 -9.16
C PRO A 46 -17.93 7.37 -9.46
N GLY A 47 -19.11 7.18 -8.89
CA GLY A 47 -19.87 5.97 -9.19
C GLY A 47 -19.53 4.79 -8.29
N SER A 48 -18.34 4.20 -8.49
CA SER A 48 -17.96 2.97 -7.77
C SER A 48 -17.08 3.14 -6.50
N GLY A 49 -16.54 4.34 -6.27
CA GLY A 49 -15.68 4.58 -5.11
C GLY A 49 -16.43 4.67 -3.79
N LEU A 50 -15.81 4.13 -2.74
CA LEU A 50 -16.32 4.24 -1.38
C LEU A 50 -17.00 5.59 -1.08
N TYR A 51 -16.35 6.70 -1.41
CA TYR A 51 -16.86 8.03 -1.07
C TYR A 51 -18.15 8.44 -1.80
N SER A 52 -18.47 7.76 -2.89
CA SER A 52 -19.72 7.99 -3.61
C SER A 52 -20.75 6.89 -3.31
N ASN A 53 -20.47 6.05 -2.32
CA ASN A 53 -21.44 5.05 -1.89
C ASN A 53 -21.86 5.21 -0.42
N LEU A 54 -22.26 6.44 -0.08
CA LEU A 54 -22.60 6.81 1.29
C LEU A 54 -23.74 5.98 1.84
N GLN A 55 -24.74 5.78 1.00
CA GLN A 55 -25.95 5.05 1.34
C GLN A 55 -25.67 3.62 1.84
N GLN A 56 -24.86 2.89 1.08
CA GLN A 56 -24.50 1.50 1.41
C GLN A 56 -23.77 1.34 2.74
N TYR A 57 -22.93 2.31 3.09
CA TYR A 57 -22.21 2.27 4.36
C TYR A 57 -23.00 2.90 5.50
N ASP A 58 -24.08 3.59 5.16
CA ASP A 58 -24.91 4.38 6.12
C ASP A 58 -24.14 5.60 6.67
N LEU A 59 -23.51 6.36 5.76
CA LEU A 59 -22.67 7.50 6.12
C LEU A 59 -23.33 8.85 5.84
N PRO A 60 -23.22 9.80 6.77
CA PRO A 60 -23.72 11.18 6.57
C PRO A 60 -22.92 12.02 5.57
N TYR A 61 -21.62 11.73 5.43
CA TYR A 61 -20.71 12.41 4.50
C TYR A 61 -19.45 11.54 4.45
N PRO A 62 -18.67 11.61 3.35
CA PRO A 62 -17.59 10.65 3.09
C PRO A 62 -16.57 10.52 4.22
N GLU A 63 -15.99 11.63 4.65
CA GLU A 63 -14.89 11.60 5.62
C GLU A 63 -15.24 11.05 6.99
N ALA A 64 -16.54 11.04 7.32
CA ALA A 64 -17.02 10.54 8.61
C ALA A 64 -16.55 9.12 8.91
N ILE A 65 -16.36 8.31 7.86
CA ILE A 65 -15.93 6.92 8.06
C ILE A 65 -14.55 6.84 8.73
N PHE A 66 -13.76 7.90 8.60
CA PHE A 66 -12.43 7.99 9.20
C PHE A 66 -12.30 9.12 10.19
N GLU A 67 -13.39 9.45 10.86
CA GLU A 67 -13.37 10.50 11.87
C GLU A 67 -13.60 9.89 13.24
N LEU A 68 -12.83 10.33 14.24
CA LEU A 68 -12.96 9.78 15.59
C LEU A 68 -14.30 10.08 16.30
N PRO A 69 -14.76 11.36 16.27
CA PRO A 69 -16.04 11.67 16.92
C PRO A 69 -17.22 10.95 16.25
N PHE A 70 -17.29 10.93 14.92
CA PHE A 70 -18.33 10.08 14.30
C PHE A 70 -18.22 8.59 14.69
N PHE A 71 -17.01 8.05 14.65
CA PHE A 71 -16.79 6.66 15.00
C PHE A 71 -17.27 6.33 16.42
N PHE A 72 -16.99 7.21 17.37
CA PHE A 72 -17.52 7.03 18.73
C PHE A 72 -19.05 7.09 18.73
N HIS A 73 -19.62 8.02 17.97
CA HIS A 73 -21.08 8.09 17.87
C HIS A 73 -21.65 6.83 17.22
N ASN A 74 -21.02 6.37 16.15
CA ASN A 74 -21.53 5.21 15.43
C ASN A 74 -20.43 4.48 14.65
N PRO A 75 -19.89 3.41 15.25
CA PRO A 75 -18.80 2.63 14.68
C PRO A 75 -19.19 1.68 13.55
N LYS A 76 -20.48 1.49 13.32
CA LYS A 76 -20.95 0.48 12.34
C LYS A 76 -20.54 0.70 10.87
N PRO A 77 -20.65 1.95 10.36
CA PRO A 77 -20.16 2.19 9.01
C PRO A 77 -18.68 1.82 8.82
N PHE A 78 -17.80 2.27 9.71
CA PHE A 78 -16.40 1.84 9.64
C PHE A 78 -16.26 0.32 9.68
N PHE A 79 -16.98 -0.34 10.60
CA PHE A 79 -16.87 -1.80 10.70
C PHE A 79 -17.41 -2.54 9.48
N THR A 80 -18.28 -1.89 8.72
CA THR A 80 -18.75 -2.45 7.44
C THR A 80 -17.57 -2.47 6.44
N LEU A 81 -16.88 -1.34 6.34
CA LEU A 81 -15.66 -1.28 5.56
C LEU A 81 -14.65 -2.31 6.04
N ALA A 82 -14.48 -2.45 7.35
CA ALA A 82 -13.48 -3.35 7.92
C ALA A 82 -13.77 -4.80 7.51
N LYS A 83 -15.04 -5.18 7.59
CA LYS A 83 -15.49 -6.51 7.20
C LYS A 83 -15.15 -6.77 5.74
N GLU A 84 -15.33 -5.76 4.88
CA GLU A 84 -14.98 -5.89 3.45
C GLU A 84 -13.46 -5.92 3.19
N LEU A 85 -12.69 -5.14 3.95
CA LEU A 85 -11.26 -5.02 3.68
C LEU A 85 -10.38 -6.01 4.45
N TYR A 86 -10.94 -6.64 5.47
CA TYR A 86 -10.23 -7.66 6.24
C TYR A 86 -9.59 -8.71 5.33
N PRO A 87 -8.42 -9.29 5.75
CA PRO A 87 -7.71 -10.26 4.92
C PRO A 87 -8.57 -11.47 4.55
N GLY A 88 -8.50 -11.85 3.28
CA GLY A 88 -9.21 -13.03 2.79
C GLY A 88 -10.40 -12.71 1.92
N ASN A 89 -10.71 -11.44 1.73
CA ASN A 89 -11.79 -11.05 0.82
C ASN A 89 -11.25 -10.68 -0.56
N TYR A 90 -10.27 -9.77 -0.60
CA TYR A 90 -9.66 -9.39 -1.86
C TYR A 90 -8.34 -10.11 -2.15
N LYS A 91 -8.03 -10.25 -3.44
CA LYS A 91 -6.85 -10.99 -3.87
C LYS A 91 -5.78 -10.01 -4.34
N PRO A 92 -4.53 -10.20 -3.88
CA PRO A 92 -3.46 -9.37 -4.44
C PRO A 92 -3.32 -9.71 -5.92
N ASN A 93 -2.88 -8.75 -6.72
CA ASN A 93 -2.68 -8.99 -8.13
C ASN A 93 -1.18 -9.03 -8.49
N VAL A 94 -0.90 -9.17 -9.79
CA VAL A 94 0.46 -9.21 -10.35
C VAL A 94 1.42 -8.16 -9.79
N THR A 95 0.91 -6.94 -9.61
CA THR A 95 1.71 -5.84 -9.08
C THR A 95 2.18 -6.15 -7.67
N HIS A 96 1.30 -6.77 -6.86
CA HIS A 96 1.66 -7.14 -5.50
C HIS A 96 2.67 -8.27 -5.51
N TYR A 97 2.48 -9.23 -6.40
CA TYR A 97 3.37 -10.41 -6.43
C TYR A 97 4.77 -10.07 -6.98
N PHE A 98 4.85 -9.06 -7.85
CA PHE A 98 6.15 -8.55 -8.28
C PHE A 98 6.94 -7.96 -7.11
N LEU A 99 6.26 -7.23 -6.23
CA LEU A 99 6.91 -6.67 -5.03
C LEU A 99 7.33 -7.79 -4.07
N ARG A 100 6.52 -8.84 -4.01
CA ARG A 100 6.83 -10.04 -3.24
C ARG A 100 8.10 -10.75 -3.77
N LEU A 101 8.18 -10.89 -5.10
CA LEU A 101 9.34 -11.49 -5.73
C LEU A 101 10.60 -10.65 -5.51
N LEU A 102 10.43 -9.34 -5.51
CA LEU A 102 11.50 -8.40 -5.22
C LEU A 102 12.05 -8.71 -3.84
N HIS A 103 11.14 -8.93 -2.90
CA HIS A 103 11.51 -9.26 -1.55
C HIS A 103 12.26 -10.59 -1.52
N ASP A 104 11.68 -11.61 -2.14
CA ASP A 104 12.20 -12.98 -2.11
C ASP A 104 13.60 -13.11 -2.70
N LYS A 105 13.94 -12.21 -3.62
CA LYS A 105 15.27 -12.17 -4.23
C LYS A 105 16.25 -11.29 -3.45
N GLY A 106 15.83 -10.79 -2.30
CA GLY A 106 16.70 -9.98 -1.44
C GLY A 106 16.99 -8.56 -1.90
N LEU A 107 16.10 -7.99 -2.72
CA LEU A 107 16.34 -6.65 -3.30
C LEU A 107 15.53 -5.50 -2.65
N LEU A 108 14.51 -5.86 -1.90
CA LEU A 108 13.60 -4.87 -1.32
C LEU A 108 14.13 -4.31 -0.01
N LEU A 109 14.47 -3.03 0.00
CA LEU A 109 14.82 -2.38 1.27
C LEU A 109 13.54 -2.07 2.04
N ARG A 110 12.62 -1.33 1.41
CA ARG A 110 11.32 -1.03 2.04
C ARG A 110 10.20 -0.77 1.03
N LEU A 111 9.00 -1.20 1.40
CA LEU A 111 7.77 -0.90 0.69
C LEU A 111 6.87 0.04 1.50
N TYR A 112 6.79 1.30 1.06
CA TYR A 112 5.90 2.30 1.62
C TYR A 112 4.56 2.27 0.88
N THR A 113 3.49 1.95 1.61
CA THR A 113 2.15 1.93 1.04
C THR A 113 1.22 2.95 1.68
N GLN A 114 0.46 3.66 0.85
CA GLN A 114 -0.66 4.51 1.29
C GLN A 114 -2.00 3.76 1.32
N ASN A 115 -1.99 2.51 0.86
CA ASN A 115 -3.17 1.67 0.88
C ASN A 115 -3.48 1.07 2.24
N ILE A 116 -4.77 0.81 2.46
CA ILE A 116 -5.23 0.11 3.66
C ILE A 116 -5.84 -1.26 3.38
N ASP A 117 -5.84 -1.69 2.12
CA ASP A 117 -6.33 -3.03 1.78
C ASP A 117 -5.50 -4.18 2.37
N GLY A 118 -4.29 -3.84 2.83
CA GLY A 118 -3.38 -4.84 3.42
C GLY A 118 -2.89 -5.90 2.43
N LEU A 119 -2.97 -5.62 1.13
CA LEU A 119 -2.65 -6.67 0.14
C LEU A 119 -1.16 -6.98 0.01
N GLU A 120 -0.33 -6.05 0.45
CA GLU A 120 1.12 -6.29 0.52
C GLU A 120 1.43 -7.41 1.52
N ARG A 121 0.89 -7.29 2.73
CA ARG A 121 0.95 -8.36 3.75
C ARG A 121 0.42 -9.68 3.19
N VAL A 122 -0.75 -9.61 2.57
CA VAL A 122 -1.44 -10.79 2.05
C VAL A 122 -0.60 -11.52 0.99
N SER A 123 0.22 -10.75 0.26
CA SER A 123 1.06 -11.31 -0.80
C SER A 123 2.29 -12.02 -0.22
N GLY A 124 2.49 -11.88 1.09
CA GLY A 124 3.58 -12.58 1.78
C GLY A 124 4.79 -11.73 2.14
N ILE A 125 4.71 -10.43 1.87
CA ILE A 125 5.80 -9.54 2.26
C ILE A 125 5.76 -9.36 3.78
N PRO A 126 6.90 -9.59 4.46
CA PRO A 126 6.94 -9.45 5.92
C PRO A 126 6.66 -8.02 6.39
N ALA A 127 6.10 -7.91 7.60
CA ALA A 127 5.74 -6.62 8.20
C ALA A 127 6.92 -5.66 8.38
N SER A 128 8.11 -6.20 8.66
CA SER A 128 9.33 -5.40 8.84
C SER A 128 9.75 -4.67 7.56
N LYS A 129 9.34 -5.21 6.41
CA LYS A 129 9.62 -4.59 5.11
C LYS A 129 8.58 -3.53 4.71
N LEU A 130 7.51 -3.41 5.49
CA LEU A 130 6.38 -2.57 5.10
C LEU A 130 6.29 -1.32 5.94
N VAL A 131 6.01 -0.20 5.30
CA VAL A 131 5.60 0.99 6.02
C VAL A 131 4.19 1.32 5.56
N GLU A 132 3.22 0.95 6.39
CA GLU A 132 1.81 1.17 6.10
C GLU A 132 1.40 2.53 6.63
N ALA A 133 1.49 3.53 5.76
CA ALA A 133 1.49 4.92 6.18
C ALA A 133 0.15 5.46 6.70
N HIS A 134 -0.96 4.84 6.30
CA HIS A 134 -2.28 5.17 6.85
C HIS A 134 -2.82 4.06 7.76
N GLY A 135 -1.96 3.16 8.19
CA GLY A 135 -2.33 2.13 9.16
C GLY A 135 -2.77 0.84 8.51
N THR A 136 -3.35 -0.04 9.31
CA THR A 136 -3.62 -1.40 8.85
C THR A 136 -4.75 -2.07 9.63
N PHE A 137 -5.43 -3.03 8.98
CA PHE A 137 -6.42 -3.88 9.66
C PHE A 137 -5.79 -5.06 10.41
N ALA A 138 -4.47 -5.24 10.28
CA ALA A 138 -3.77 -6.40 10.86
C ALA A 138 -3.63 -6.32 12.36
N SER A 139 -3.83 -5.12 12.91
CA SER A 139 -3.86 -4.94 14.35
C SER A 139 -4.95 -3.95 14.74
N ALA A 140 -5.27 -3.91 16.04
CA ALA A 140 -6.34 -3.08 16.60
C ALA A 140 -5.98 -2.61 18.01
N THR A 141 -6.57 -1.50 18.42
CA THR A 141 -6.23 -0.85 19.68
C THR A 141 -7.51 -0.40 20.39
N CYS A 142 -7.63 -0.72 21.68
CA CYS A 142 -8.76 -0.24 22.48
C CYS A 142 -8.74 1.28 22.49
N THR A 143 -9.89 1.89 22.17
CA THR A 143 -10.00 3.34 22.10
C THR A 143 -9.92 4.02 23.46
N VAL A 144 -10.09 3.26 24.54
CA VAL A 144 -10.13 3.81 25.90
C VAL A 144 -8.80 3.60 26.67
N CYS A 145 -8.29 2.37 26.72
CA CYS A 145 -7.07 2.06 27.49
C CYS A 145 -5.79 1.75 26.67
N GLN A 146 -5.90 1.89 25.35
N GLN A 146 -5.88 1.86 25.34
CA GLN A 146 -4.81 1.66 24.38
CA GLN A 146 -4.76 1.66 24.40
C GLN A 146 -4.18 0.27 24.41
C GLN A 146 -4.21 0.25 24.33
N ARG A 147 -4.94 -0.71 24.90
CA ARG A 147 -4.55 -2.11 24.81
C ARG A 147 -4.54 -2.57 23.34
N PRO A 148 -3.43 -3.19 22.89
CA PRO A 148 -3.35 -3.68 21.52
C PRO A 148 -3.90 -5.10 21.37
N PHE A 149 -4.39 -5.39 20.16
CA PHE A 149 -4.95 -6.69 19.79
C PHE A 149 -4.44 -7.07 18.39
N PRO A 150 -4.09 -8.35 18.19
CA PRO A 150 -3.90 -8.78 16.80
C PRO A 150 -5.25 -8.69 16.10
N GLY A 151 -5.24 -8.29 14.82
CA GLY A 151 -6.49 -8.22 14.04
C GLY A 151 -7.35 -9.48 14.09
N GLU A 152 -6.68 -10.63 14.22
N GLU A 152 -6.68 -10.62 14.22
CA GLU A 152 -7.38 -11.92 14.27
CA GLU A 152 -7.32 -11.93 14.29
C GLU A 152 -8.25 -12.05 15.52
C GLU A 152 -8.21 -12.08 15.53
N ASP A 153 -7.89 -11.32 16.58
CA ASP A 153 -8.64 -11.35 17.84
C ASP A 153 -10.06 -10.77 17.77
N ILE A 154 -10.27 -9.80 16.89
CA ILE A 154 -11.59 -9.20 16.75
C ILE A 154 -12.34 -9.66 15.48
N ARG A 155 -11.75 -10.58 14.72
CA ARG A 155 -12.30 -11.05 13.44
C ARG A 155 -13.72 -11.64 13.52
N ALA A 156 -13.94 -12.55 14.48
CA ALA A 156 -15.27 -13.14 14.66
C ALA A 156 -16.37 -12.08 14.89
N ASP A 157 -16.09 -11.09 15.77
CA ASP A 157 -17.00 -9.97 15.99
C ASP A 157 -17.22 -9.17 14.70
N VAL A 158 -16.13 -8.92 13.97
CA VAL A 158 -16.16 -8.16 12.70
C VAL A 158 -17.01 -8.87 11.64
N MET A 159 -16.77 -10.17 11.47
CA MET A 159 -17.56 -10.99 10.55
C MET A 159 -19.04 -11.07 10.91
N ALA A 160 -19.34 -11.08 12.21
CA ALA A 160 -20.72 -11.23 12.71
C ALA A 160 -21.44 -9.91 12.99
N ASP A 161 -20.89 -8.81 12.46
CA ASP A 161 -21.44 -7.46 12.67
C ASP A 161 -21.62 -7.09 14.14
N ARG A 162 -20.69 -7.53 14.99
CA ARG A 162 -20.66 -7.10 16.39
C ARG A 162 -19.50 -6.11 16.59
N VAL A 163 -19.74 -5.04 17.34
CA VAL A 163 -18.69 -4.07 17.63
C VAL A 163 -17.78 -4.63 18.74
N PRO A 164 -16.52 -4.97 18.39
CA PRO A 164 -15.63 -5.62 19.37
C PRO A 164 -15.33 -4.74 20.58
N ARG A 165 -15.26 -5.35 21.76
CA ARG A 165 -15.10 -4.65 23.03
C ARG A 165 -13.85 -5.11 23.79
N CYS A 166 -13.26 -4.20 24.55
CA CYS A 166 -12.05 -4.51 25.32
C CYS A 166 -12.38 -5.36 26.56
N PRO A 167 -11.71 -6.52 26.72
CA PRO A 167 -11.88 -7.36 27.93
C PRO A 167 -11.46 -6.68 29.25
N VAL A 168 -10.67 -5.61 29.17
CA VAL A 168 -10.29 -4.87 30.38
C VAL A 168 -11.30 -3.76 30.74
N CYS A 169 -11.59 -2.88 29.80
CA CYS A 169 -12.37 -1.68 30.13
C CYS A 169 -13.70 -1.60 29.41
N THR A 170 -14.01 -2.60 28.57
CA THR A 170 -15.24 -2.60 27.78
C THR A 170 -15.28 -1.50 26.70
N GLY A 171 -14.18 -0.75 26.51
CA GLY A 171 -14.13 0.23 25.42
C GLY A 171 -14.20 -0.44 24.04
N VAL A 172 -14.65 0.31 23.04
CA VAL A 172 -14.66 -0.16 21.64
C VAL A 172 -13.22 -0.36 21.14
N VAL A 173 -12.92 -1.52 20.58
CA VAL A 173 -11.61 -1.79 19.97
C VAL A 173 -11.62 -1.41 18.47
N LYS A 174 -10.68 -0.58 18.06
CA LYS A 174 -10.64 -0.02 16.70
C LYS A 174 -9.40 -0.47 15.94
N PRO A 175 -9.59 -1.07 14.74
CA PRO A 175 -8.49 -1.39 13.83
C PRO A 175 -7.54 -0.20 13.67
N ASP A 176 -6.26 -0.48 13.47
CA ASP A 176 -5.23 0.54 13.51
C ASP A 176 -5.15 1.34 12.21
N ILE A 177 -6.30 1.83 11.75
CA ILE A 177 -6.34 2.76 10.64
C ILE A 177 -6.15 4.18 11.18
N VAL A 178 -5.27 4.95 10.53
CA VAL A 178 -5.05 6.33 10.92
C VAL A 178 -6.31 7.15 10.59
N PHE A 179 -6.93 7.76 11.59
CA PHE A 179 -8.11 8.62 11.36
C PHE A 179 -7.69 10.10 11.22
N PHE A 180 -8.64 10.94 10.81
CA PHE A 180 -8.36 12.35 10.58
C PHE A 180 -7.83 13.04 11.84
N GLY A 181 -6.70 13.74 11.67
CA GLY A 181 -6.08 14.49 12.76
C GLY A 181 -5.15 13.68 13.64
N GLU A 182 -5.10 12.37 13.45
CA GLU A 182 -4.22 11.51 14.23
C GLU A 182 -2.79 11.55 13.69
N PRO A 183 -1.81 11.14 14.50
CA PRO A 183 -0.43 11.14 13.99
C PRO A 183 -0.21 10.00 13.00
N LEU A 184 0.66 10.21 12.01
CA LEU A 184 1.15 9.12 11.17
C LEU A 184 1.78 8.03 12.04
N PRO A 185 1.78 6.78 11.57
CA PRO A 185 2.39 5.72 12.39
C PRO A 185 3.88 5.96 12.58
N GLN A 186 4.42 5.46 13.69
CA GLN A 186 5.80 5.74 14.09
C GLN A 186 6.80 5.20 13.06
N ARG A 187 6.51 4.00 12.55
CA ARG A 187 7.28 3.35 11.50
C ARG A 187 7.52 4.18 10.23
N PHE A 188 6.73 5.24 10.05
CA PHE A 188 6.95 6.15 8.93
C PHE A 188 8.30 6.90 8.99
N LEU A 189 8.85 7.00 10.21
CA LEU A 189 10.12 7.69 10.41
C LEU A 189 11.30 6.86 9.91
N LEU A 190 11.07 5.58 9.63
CA LEU A 190 12.05 4.79 8.88
C LEU A 190 12.48 5.47 7.58
N HIS A 191 11.68 6.42 7.09
CA HIS A 191 12.00 7.13 5.85
C HIS A 191 13.28 7.94 5.95
N VAL A 192 13.63 8.36 7.17
CA VAL A 192 14.83 9.19 7.40
C VAL A 192 16.10 8.40 7.02
N VAL A 193 16.15 7.13 7.39
CA VAL A 193 17.25 6.25 7.02
C VAL A 193 17.06 5.53 5.67
N ASP A 194 15.82 5.22 5.30
CA ASP A 194 15.57 4.42 4.11
C ASP A 194 15.97 5.10 2.80
N PHE A 195 15.61 6.37 2.68
CA PHE A 195 15.74 7.10 1.42
C PHE A 195 17.17 7.46 0.98
N PRO A 196 18.02 7.96 1.92
CA PRO A 196 19.45 8.16 1.60
C PRO A 196 20.12 6.85 1.16
N MET A 197 19.62 5.74 1.67
CA MET A 197 20.17 4.41 1.44
C MET A 197 19.64 3.69 0.17
N ALA A 198 18.55 4.17 -0.41
CA ALA A 198 17.98 3.52 -1.60
C ALA A 198 18.95 3.60 -2.77
N ASP A 199 19.10 2.52 -3.53
CA ASP A 199 19.87 2.59 -4.78
C ASP A 199 18.95 2.54 -5.99
N LEU A 200 17.64 2.41 -5.72
CA LEU A 200 16.59 2.47 -6.74
C LEU A 200 15.25 2.85 -6.07
N LEU A 201 14.55 3.81 -6.67
CA LEU A 201 13.20 4.20 -6.25
C LEU A 201 12.17 3.73 -7.25
N LEU A 202 11.24 2.93 -6.76
CA LEU A 202 10.12 2.43 -7.54
C LEU A 202 8.78 3.02 -7.07
N ILE A 203 8.02 3.61 -8.00
CA ILE A 203 6.74 4.24 -7.68
C ILE A 203 5.63 3.62 -8.53
N LEU A 204 4.70 2.94 -7.88
CA LEU A 204 3.65 2.23 -8.61
C LEU A 204 2.26 2.72 -8.23
N GLY A 205 1.46 3.02 -9.25
CA GLY A 205 0.03 3.31 -9.06
C GLY A 205 -0.30 4.43 -8.11
N THR A 206 0.57 5.44 -8.09
CA THR A 206 0.35 6.68 -7.36
C THR A 206 1.18 7.76 -8.03
N SER A 207 0.72 9.00 -7.90
CA SER A 207 1.40 10.13 -8.51
C SER A 207 2.20 10.87 -7.44
N LEU A 208 1.94 10.49 -6.19
CA LEU A 208 2.61 11.02 -5.00
C LEU A 208 2.47 12.53 -4.86
N GLU A 209 1.28 13.03 -5.17
CA GLU A 209 1.05 14.47 -5.26
C GLU A 209 0.94 15.16 -3.91
N VAL A 210 0.53 14.39 -2.90
CA VAL A 210 0.22 14.95 -1.60
C VAL A 210 1.37 14.76 -0.60
N GLU A 211 1.73 15.83 0.12
CA GLU A 211 2.62 15.72 1.28
C GLU A 211 1.99 14.80 2.31
N PRO A 212 2.83 14.05 3.07
CA PRO A 212 4.29 14.11 3.13
C PRO A 212 5.03 13.25 2.07
N PHE A 213 4.27 12.54 1.24
CA PHE A 213 4.86 11.62 0.27
C PHE A 213 5.54 12.28 -0.93
N ALA A 214 5.05 13.47 -1.30
CA ALA A 214 5.62 14.20 -2.42
C ALA A 214 7.11 14.49 -2.23
N SER A 215 7.47 14.96 -1.04
CA SER A 215 8.85 15.30 -0.72
C SER A 215 9.78 14.11 -0.67
N LEU A 216 9.27 12.94 -0.30
CA LEU A 216 10.09 11.73 -0.27
C LEU A 216 10.70 11.40 -1.63
N THR A 217 9.98 11.70 -2.71
CA THR A 217 10.49 11.44 -4.06
C THR A 217 11.82 12.17 -4.36
N GLU A 218 12.04 13.30 -3.69
CA GLU A 218 13.29 14.08 -3.80
C GLU A 218 14.39 13.60 -2.84
N ALA A 219 14.04 12.78 -1.86
CA ALA A 219 14.97 12.40 -0.80
C ALA A 219 16.03 11.35 -1.18
N VAL A 220 15.83 10.64 -2.28
CA VAL A 220 16.85 9.73 -2.81
C VAL A 220 18.00 10.53 -3.44
N ARG A 221 19.20 9.96 -3.44
CA ARG A 221 20.38 10.63 -4.02
C ARG A 221 20.25 10.90 -5.51
N SER A 222 20.92 11.97 -5.96
CA SER A 222 20.94 12.40 -7.37
C SER A 222 21.21 11.31 -8.40
N SER A 223 22.02 10.32 -8.02
CA SER A 223 22.41 9.26 -8.94
C SER A 223 21.40 8.10 -8.98
N VAL A 224 20.44 8.11 -8.06
CA VAL A 224 19.45 7.02 -7.95
C VAL A 224 18.38 7.11 -9.03
N PRO A 225 18.19 6.04 -9.81
CA PRO A 225 17.12 6.06 -10.80
C PRO A 225 15.75 6.01 -10.12
N ARG A 226 14.79 6.76 -10.67
CA ARG A 226 13.44 6.74 -10.15
C ARG A 226 12.54 6.25 -11.27
N LEU A 227 11.95 5.08 -11.07
CA LEU A 227 11.09 4.49 -12.06
C LEU A 227 9.63 4.63 -11.61
N LEU A 228 8.87 5.38 -12.42
CA LEU A 228 7.42 5.57 -12.27
C LEU A 228 6.69 4.60 -13.17
N ILE A 229 5.85 3.76 -12.55
CA ILE A 229 4.90 2.94 -13.28
C ILE A 229 3.49 3.36 -12.90
N ASN A 230 2.84 4.06 -13.81
CA ASN A 230 1.63 4.82 -13.49
C ASN A 230 0.92 5.14 -14.79
N ARG A 231 -0.37 5.39 -14.72
CA ARG A 231 -1.10 5.74 -15.92
C ARG A 231 -0.62 7.04 -16.55
N ASP A 232 -0.22 7.99 -15.73
CA ASP A 232 0.32 9.22 -16.30
C ASP A 232 1.53 9.74 -15.56
N LEU A 233 2.31 10.53 -16.27
CA LEU A 233 3.41 11.26 -15.67
C LEU A 233 2.84 12.56 -15.13
N VAL A 234 2.51 12.55 -13.85
CA VAL A 234 2.00 13.73 -13.17
C VAL A 234 2.69 13.73 -11.83
N GLY A 235 2.41 14.72 -10.99
CA GLY A 235 3.03 14.79 -9.68
C GLY A 235 4.48 15.27 -9.71
N PRO A 236 5.15 15.20 -8.54
CA PRO A 236 6.53 15.63 -8.29
C PRO A 236 7.54 15.15 -9.33
N LEU A 237 7.38 13.92 -9.81
CA LEU A 237 8.28 13.37 -10.81
C LEU A 237 8.15 14.05 -12.16
N ALA A 238 6.95 14.52 -12.48
CA ALA A 238 6.77 15.35 -13.66
C ALA A 238 7.16 16.79 -13.36
N TRP A 239 6.95 17.23 -12.13
CA TRP A 239 7.22 18.63 -11.81
C TRP A 239 8.72 18.87 -11.90
N HIS A 240 9.51 17.93 -11.40
CA HIS A 240 10.97 18.07 -11.32
C HIS A 240 11.73 16.83 -11.79
N PRO A 241 11.80 16.66 -13.12
CA PRO A 241 12.46 15.50 -13.72
C PRO A 241 13.95 15.49 -13.39
N ARG A 242 14.49 14.29 -13.26
CA ARG A 242 15.92 14.08 -13.06
C ARG A 242 16.46 13.19 -14.19
N SER A 243 17.77 13.31 -14.45
CA SER A 243 18.35 12.68 -15.65
C SER A 243 18.15 11.19 -15.64
N ARG A 244 18.16 10.59 -14.45
CA ARG A 244 18.00 9.13 -14.34
C ARG A 244 16.57 8.62 -14.05
N ASP A 245 15.56 9.45 -14.35
CA ASP A 245 14.15 9.05 -14.20
C ASP A 245 13.67 8.28 -15.41
N VAL A 246 12.87 7.25 -15.15
CA VAL A 246 12.17 6.52 -16.22
C VAL A 246 10.66 6.50 -15.90
N ALA A 247 9.85 6.67 -16.94
CA ALA A 247 8.40 6.57 -16.83
C ALA A 247 7.89 5.45 -17.72
N GLN A 248 7.07 4.58 -17.15
CA GLN A 248 6.40 3.55 -17.92
C GLN A 248 4.92 3.79 -17.73
N LEU A 249 4.31 4.45 -18.71
CA LEU A 249 2.96 4.98 -18.59
C LEU A 249 1.91 4.07 -19.19
N GLY A 250 0.73 4.13 -18.62
CA GLY A 250 -0.37 3.31 -19.07
C GLY A 250 -0.76 2.42 -17.91
N ASP A 251 -1.51 1.37 -18.23
CA ASP A 251 -1.87 0.30 -17.32
C ASP A 251 -0.69 -0.19 -16.47
N VAL A 252 -0.86 -0.15 -15.15
CA VAL A 252 0.19 -0.55 -14.21
C VAL A 252 0.55 -2.03 -14.34
N VAL A 253 -0.46 -2.89 -14.51
CA VAL A 253 -0.25 -4.33 -14.67
C VAL A 253 0.54 -4.64 -15.95
N HIS A 254 0.20 -3.96 -17.04
CA HIS A 254 0.99 -4.06 -18.27
C HIS A 254 2.42 -3.53 -18.09
N GLY A 255 2.58 -2.40 -17.38
CA GLY A 255 3.90 -1.86 -17.07
C GLY A 255 4.76 -2.86 -16.29
N VAL A 256 4.16 -3.49 -15.28
CA VAL A 256 4.86 -4.43 -14.44
C VAL A 256 5.24 -5.71 -15.21
N GLU A 257 4.28 -6.23 -15.97
CA GLU A 257 4.52 -7.40 -16.81
C GLU A 257 5.64 -7.15 -17.83
N SER A 258 5.70 -5.93 -18.36
CA SER A 258 6.79 -5.53 -19.27
C SER A 258 8.15 -5.62 -18.58
N LEU A 259 8.23 -5.05 -17.37
CA LEU A 259 9.45 -5.07 -16.58
C LEU A 259 9.84 -6.51 -16.18
N VAL A 260 8.85 -7.30 -15.77
CA VAL A 260 9.06 -8.70 -15.44
C VAL A 260 9.65 -9.48 -16.62
N GLU A 261 9.12 -9.22 -17.83
CA GLU A 261 9.63 -9.80 -19.06
C GLU A 261 11.10 -9.47 -19.27
N LEU A 262 11.44 -8.19 -19.19
CA LEU A 262 12.82 -7.74 -19.36
C LEU A 262 13.76 -8.29 -18.29
N LEU A 263 13.25 -8.50 -17.09
CA LEU A 263 14.03 -9.07 -15.98
C LEU A 263 14.26 -10.57 -16.13
N GLY A 264 13.45 -11.21 -16.98
CA GLY A 264 13.49 -12.64 -17.18
C GLY A 264 12.80 -13.39 -16.06
N TRP A 265 11.81 -12.77 -15.42
CA TRP A 265 11.10 -13.40 -14.30
C TRP A 265 9.70 -13.91 -14.63
N THR A 266 9.30 -13.91 -15.89
CA THR A 266 7.92 -14.27 -16.28
C THR A 266 7.46 -15.61 -15.70
N GLU A 267 8.38 -16.58 -15.59
CA GLU A 267 8.00 -17.93 -15.18
C GLU A 267 7.96 -18.08 -13.68
N GLU A 268 8.95 -17.50 -13.01
CA GLU A 268 8.95 -17.41 -11.56
C GLU A 268 7.71 -16.66 -11.08
N MET A 269 7.32 -15.60 -11.82
CA MET A 269 6.12 -14.80 -11.53
C MET A 269 4.84 -15.60 -11.67
N ARG A 270 4.76 -16.44 -12.71
CA ARG A 270 3.60 -17.31 -12.91
C ARG A 270 3.50 -18.38 -11.83
N ASP A 271 4.64 -18.98 -11.45
CA ASP A 271 4.69 -19.97 -10.38
C ASP A 271 4.26 -19.39 -9.03
N LEU A 272 4.52 -18.10 -8.84
CA LEU A 272 4.15 -17.40 -7.62
C LEU A 272 2.67 -17.03 -7.63
N VAL A 273 2.25 -16.26 -8.63
CA VAL A 273 0.86 -15.91 -8.86
C VAL A 273 0.00 -17.18 -8.89
N GLN A 274 0.66 -18.33 -9.05
CA GLN A 274 -0.02 -19.62 -9.15
C GLN A 274 -0.47 -20.18 -7.80
N ARG A 275 0.50 -20.58 -6.98
N ARG A 275 0.50 -20.57 -6.97
CA ARG A 275 0.22 -21.21 -5.67
CA ARG A 275 0.22 -21.21 -5.68
C ARG A 275 -0.55 -20.26 -4.76
C ARG A 275 -0.54 -20.26 -4.76
N GLU A 276 -0.21 -18.98 -4.84
CA GLU A 276 -0.78 -17.96 -3.96
C GLU A 276 -2.27 -17.69 -4.21
N THR A 277 -2.67 -17.68 -5.48
CA THR A 277 -4.09 -17.49 -5.84
C THR A 277 -4.97 -18.66 -5.35
N GLY A 278 -4.37 -19.85 -5.24
CA GLY A 278 -5.05 -21.00 -4.65
C GLY A 278 -4.86 -21.10 -3.14
N LYS A 279 -5.05 -19.97 -2.44
CA LYS A 279 -4.96 -19.91 -0.98
C LYS A 279 -6.03 -19.01 -0.39
ZN ZN B . -9.66 -1.16 26.98
C01 1NS C . -6.26 10.23 4.83
S02 1NS C . -6.21 9.57 6.44
N03 1NS C . -7.28 8.31 6.67
C04 1NS C . -6.80 7.03 6.37
C05 1NS C . -7.59 6.36 5.26
C06 1NS C . -7.00 6.74 3.91
C07 1NS C . -6.35 5.55 3.35
C08 1NS C . -5.73 5.93 2.05
N09 1NS C . -6.74 6.53 1.18
C10 1NS C . -7.34 6.09 -0.07
C11 1NS C . -7.30 4.75 -0.45
C12 1NS C . -7.89 4.36 -1.68
C13 1NS C . -7.77 2.88 -1.98
C14 1NS C . -7.11 2.24 -0.89
C15 1NS C . -6.81 0.85 -0.79
N16 1NS C . -6.87 0.03 -1.97
O17 1NS C . -6.46 0.38 0.30
S18 1NS C . -6.71 3.38 0.30
N19 1NS C . -8.45 5.34 -2.46
C20 1NS C . -8.47 6.63 -2.10
N21 1NS C . -7.91 7.02 -0.92
C22 1NS C . -7.42 7.71 1.67
C23 1NS C . -8.00 7.41 3.02
O24 1NS C . -4.93 9.35 6.92
O25 1NS C . -6.66 10.63 7.45
C1 GOL D . -2.40 12.71 8.64
O1 GOL D . -1.69 11.65 9.23
C2 GOL D . -3.79 12.64 9.26
O2 GOL D . -3.77 13.27 10.53
C3 GOL D . -4.79 13.32 8.32
O3 GOL D . -5.81 13.87 9.10
C1 GOL E . -3.76 8.54 -1.66
O1 GOL E . -4.81 9.45 -1.83
C2 GOL E . -4.16 7.17 -2.20
O2 GOL E . -3.38 6.83 -3.34
C3 GOL E . -4.00 6.15 -1.07
O3 GOL E . -3.65 4.87 -1.55
NA NA F . -26.89 7.68 15.06
#